data_3NW7
#
_entry.id   3NW7
#
_cell.length_a   107.508
_cell.length_b   41.123
_cell.length_c   80.385
_cell.angle_alpha   90.00
_cell.angle_beta   121.64
_cell.angle_gamma   90.00
#
_symmetry.space_group_name_H-M   'C 1 2 1'
#
loop_
_entity.id
_entity.type
_entity.pdbx_description
1 polymer 'Insulin-like growth factor 1 receptor'
2 non-polymer N-({4-[(3-cyclopropyl-1H-pyrazol-5-yl)amino]pyrrolo[2,1-f][1,2,4]triazin-2-yl}methyl)-6-fluoropyridine-3-carboxamide
3 water water
#
_entity_poly.entity_id   1
_entity_poly.type   'polypeptide(L)'
_entity_poly.pdbx_seq_one_letter_code
;MVSAADVYVPDEWEVAREKITMSRELGQGSFGMVYEGVAKGVVKDEPETRVAIKTVNEAASMRERIEFLNEASVMKEFNC
HHVVRLLGVVSQGQPTLVIMELMTRGDLKSYLRSLRPEMENNPVLAPPSLSKMIQMAGEIADGMAYLNANKFVHRDLAAR
NCMVAEDFTVKIGDFGMTRDIYETDYYRKGGKGLLPVRWMSPESLKDGVFTTYSDVWSFGVVLWEIATLAEQPYQGLSNE
QVLRFVMEGGLLDKPDNCPDMLFELMRMCWQYNPKMRPSFLEIISSIKEEMEPGFREVSFYYSEENK
;
_entity_poly.pdbx_strand_id   A
#
# COMPACT_ATOMS: atom_id res chain seq x y z
N TYR A 8 25.40 -5.25 -7.78
CA TYR A 8 24.63 -4.00 -7.73
C TYR A 8 25.50 -2.80 -8.14
N VAL A 9 25.03 -1.99 -9.11
CA VAL A 9 25.78 -0.80 -9.54
C VAL A 9 25.50 0.47 -8.69
N PRO A 10 26.48 0.99 -7.93
CA PRO A 10 26.27 2.22 -7.14
C PRO A 10 25.85 3.40 -8.01
N ASP A 11 24.79 4.10 -7.57
CA ASP A 11 24.00 5.14 -8.21
C ASP A 11 24.09 6.52 -7.55
N GLU A 12 23.35 7.48 -8.14
CA GLU A 12 23.11 8.85 -7.65
C GLU A 12 22.28 8.77 -6.34
N TRP A 13 21.71 7.58 -6.05
CA TRP A 13 20.92 7.32 -4.85
C TRP A 13 21.78 6.91 -3.67
N GLU A 14 23.10 6.66 -3.91
CA GLU A 14 24.02 6.30 -2.82
C GLU A 14 24.15 7.44 -1.81
N VAL A 15 24.03 7.11 -0.54
CA VAL A 15 24.18 8.04 0.57
C VAL A 15 25.24 7.50 1.51
N ALA A 16 26.20 8.36 1.86
CA ALA A 16 27.29 7.98 2.76
C ALA A 16 26.68 7.55 4.07
N ARG A 17 27.15 6.40 4.59
CA ARG A 17 26.75 5.76 5.85
C ARG A 17 26.74 6.75 7.02
N GLU A 18 27.75 7.64 7.06
CA GLU A 18 27.90 8.67 8.08
C GLU A 18 26.74 9.69 8.11
N LYS A 19 26.00 9.82 7.00
CA LYS A 19 24.81 10.69 6.90
C LYS A 19 23.52 10.01 7.50
N ILE A 20 23.61 8.75 7.97
CA ILE A 20 22.44 8.01 8.51
C ILE A 20 22.59 7.72 9.99
N THR A 21 21.52 7.90 10.78
CA THR A 21 21.41 7.60 12.20
C THR A 21 20.15 6.72 12.38
N MET A 22 20.31 5.54 13.00
CA MET A 22 19.27 4.55 13.25
C MET A 22 18.93 4.46 14.75
N SER A 23 17.64 4.60 15.11
CA SER A 23 17.21 4.51 16.51
C SER A 23 16.32 3.29 16.76
N ARG A 24 15.05 3.52 17.12
CA ARG A 24 14.07 2.50 17.44
C ARG A 24 13.69 1.65 16.24
N GLU A 25 13.32 0.40 16.49
CA GLU A 25 12.83 -0.45 15.41
C GLU A 25 11.36 -0.08 15.15
N LEU A 26 10.91 -0.23 13.90
CA LEU A 26 9.51 0.06 13.59
C LEU A 26 8.71 -1.21 13.51
N GLY A 27 9.19 -2.11 12.69
CA GLY A 27 8.52 -3.36 12.46
C GLY A 27 9.21 -4.11 11.36
N GLN A 28 8.90 -5.40 11.21
CA GLN A 28 9.49 -6.31 10.24
C GLN A 28 9.09 -5.99 8.81
N GLY A 29 10.07 -6.09 7.90
CA GLY A 29 9.90 -5.95 6.45
C GLY A 29 10.17 -7.28 5.78
N SER A 30 10.40 -7.30 4.46
CA SER A 30 10.67 -8.56 3.74
C SER A 30 12.10 -9.13 3.97
N PHE A 31 13.13 -8.30 3.84
CA PHE A 31 14.51 -8.76 4.02
C PHE A 31 15.07 -8.55 5.42
N GLY A 32 14.31 -7.91 6.30
CA GLY A 32 14.75 -7.64 7.67
C GLY A 32 13.95 -6.56 8.37
N MET A 33 14.37 -6.26 9.60
CA MET A 33 13.75 -5.25 10.45
C MET A 33 13.85 -3.85 9.81
N VAL A 34 12.79 -3.05 9.95
CA VAL A 34 12.72 -1.68 9.45
C VAL A 34 12.87 -0.79 10.69
N TYR A 35 13.76 0.21 10.59
CA TYR A 35 14.00 1.11 11.72
C TYR A 35 13.60 2.55 11.38
N GLU A 36 13.40 3.36 12.39
CA GLU A 36 13.20 4.76 12.15
C GLU A 36 14.54 5.40 12.53
N GLY A 37 14.77 6.60 12.05
CA GLY A 37 16.03 7.30 12.35
C GLY A 37 16.04 8.65 11.71
N VAL A 38 17.24 9.21 11.45
CA VAL A 38 17.41 10.52 10.81
C VAL A 38 18.47 10.45 9.73
N ALA A 39 18.33 11.28 8.70
CA ALA A 39 19.25 11.31 7.57
C ALA A 39 19.61 12.74 7.20
N LYS A 40 20.81 12.91 6.66
CA LYS A 40 21.29 14.21 6.23
C LYS A 40 21.38 14.22 4.71
N GLY A 41 20.91 15.31 4.10
CA GLY A 41 20.95 15.52 2.66
C GLY A 41 20.23 14.52 1.78
N VAL A 42 19.09 13.95 2.26
CA VAL A 42 18.29 13.02 1.44
C VAL A 42 17.00 13.68 0.95
N VAL A 43 16.59 14.77 1.62
CA VAL A 43 15.42 15.59 1.23
C VAL A 43 16.02 16.99 0.99
N LYS A 44 16.47 17.23 -0.25
CA LYS A 44 17.19 18.45 -0.67
C LYS A 44 18.42 18.61 0.25
N ASP A 45 18.58 19.77 0.91
CA ASP A 45 19.71 20.01 1.79
C ASP A 45 19.32 19.97 3.28
N GLU A 46 18.18 19.35 3.63
CA GLU A 46 17.75 19.22 5.03
C GLU A 46 18.79 18.50 5.85
N PRO A 47 19.36 19.10 6.93
CA PRO A 47 20.38 18.39 7.72
C PRO A 47 19.84 17.20 8.49
N GLU A 48 18.56 17.25 8.88
CA GLU A 48 17.95 16.20 9.70
C GLU A 48 16.53 15.97 9.25
N THR A 49 16.29 14.84 8.59
CA THR A 49 14.96 14.45 8.14
C THR A 49 14.65 13.14 8.83
N ARG A 50 13.44 12.98 9.35
CA ARG A 50 13.02 11.70 9.95
C ARG A 50 12.79 10.76 8.76
N VAL A 51 13.38 9.56 8.83
CA VAL A 51 13.31 8.56 7.76
C VAL A 51 13.03 7.17 8.35
N ALA A 52 12.67 6.23 7.48
CA ALA A 52 12.57 4.84 7.84
C ALA A 52 13.81 4.23 7.21
N ILE A 53 14.37 3.19 7.85
CA ILE A 53 15.58 2.54 7.34
C ILE A 53 15.34 1.03 7.19
N LYS A 54 15.33 0.53 5.95
CA LYS A 54 15.16 -0.92 5.72
C LYS A 54 16.54 -1.59 5.84
N THR A 55 16.62 -2.77 6.43
CA THR A 55 17.85 -3.55 6.61
C THR A 55 17.62 -4.95 6.09
N VAL A 56 18.71 -5.72 5.99
CA VAL A 56 18.75 -7.15 5.65
C VAL A 56 19.39 -7.75 6.88
N ASN A 57 18.97 -8.97 7.28
CA ASN A 57 19.58 -9.68 8.39
C ASN A 57 21.08 -9.80 8.04
N GLU A 58 21.97 -9.63 9.05
CA GLU A 58 23.42 -9.65 8.86
C GLU A 58 23.98 -10.98 8.28
N ALA A 59 23.30 -12.10 8.59
CA ALA A 59 23.68 -13.46 8.17
C ALA A 59 23.11 -13.83 6.81
N ALA A 60 22.89 -12.81 5.94
CA ALA A 60 22.36 -12.98 4.60
C ALA A 60 23.51 -12.94 3.61
N SER A 61 23.42 -13.74 2.55
CA SER A 61 24.40 -13.88 1.49
C SER A 61 24.53 -12.61 0.66
N MET A 62 25.62 -12.51 -0.14
CA MET A 62 25.88 -11.40 -1.06
C MET A 62 24.74 -11.31 -2.08
N ARG A 63 24.24 -12.48 -2.52
CA ARG A 63 23.15 -12.62 -3.48
C ARG A 63 21.87 -11.97 -2.97
N GLU A 64 21.52 -12.21 -1.69
CA GLU A 64 20.32 -11.72 -1.00
C GLU A 64 20.35 -10.19 -0.88
N ARG A 65 21.51 -9.64 -0.44
CA ARG A 65 21.80 -8.20 -0.28
C ARG A 65 21.60 -7.49 -1.60
N ILE A 66 22.12 -8.08 -2.70
CA ILE A 66 21.97 -7.54 -4.05
C ILE A 66 20.49 -7.59 -4.50
N GLU A 67 19.79 -8.70 -4.20
CA GLU A 67 18.37 -8.85 -4.49
C GLU A 67 17.58 -7.76 -3.70
N PHE A 68 17.90 -7.54 -2.39
CA PHE A 68 17.28 -6.49 -1.57
C PHE A 68 17.40 -5.10 -2.23
N LEU A 69 18.62 -4.76 -2.71
CA LEU A 69 18.98 -3.51 -3.38
C LEU A 69 18.29 -3.35 -4.74
N ASN A 70 18.25 -4.44 -5.56
CA ASN A 70 17.62 -4.41 -6.88
C ASN A 70 16.12 -4.17 -6.79
N GLU A 71 15.45 -4.84 -5.85
CA GLU A 71 14.01 -4.71 -5.62
C GLU A 71 13.66 -3.26 -5.25
N ALA A 72 14.44 -2.67 -4.34
CA ALA A 72 14.32 -1.32 -3.82
C ALA A 72 14.42 -0.26 -4.91
N SER A 73 15.22 -0.56 -5.96
CA SER A 73 15.49 0.31 -7.11
C SER A 73 14.29 0.63 -8.00
N VAL A 74 13.27 -0.22 -8.00
CA VAL A 74 12.01 0.00 -8.75
C VAL A 74 11.35 1.32 -8.22
N MET A 75 11.48 1.59 -6.90
CA MET A 75 10.95 2.81 -6.24
C MET A 75 11.59 4.12 -6.73
N LYS A 76 12.83 4.08 -7.26
CA LYS A 76 13.63 5.24 -7.71
C LYS A 76 12.94 6.13 -8.71
N GLU A 77 12.14 5.55 -9.58
CA GLU A 77 11.40 6.23 -10.64
C GLU A 77 10.18 7.04 -10.12
N PHE A 78 9.72 6.79 -8.89
CA PHE A 78 8.52 7.45 -8.38
C PHE A 78 8.73 8.63 -7.50
N ASN A 79 7.84 9.60 -7.64
CA ASN A 79 7.83 10.80 -6.85
C ASN A 79 6.40 11.29 -6.83
N CYS A 80 5.62 10.83 -5.87
CA CYS A 80 4.19 11.17 -5.73
C CYS A 80 3.91 11.29 -4.24
N HIS A 81 3.08 12.25 -3.85
CA HIS A 81 2.69 12.45 -2.46
C HIS A 81 1.96 11.24 -1.90
N HIS A 82 1.27 10.46 -2.75
CA HIS A 82 0.50 9.31 -2.28
C HIS A 82 1.13 7.94 -2.53
N VAL A 83 2.47 7.96 -2.72
CA VAL A 83 3.31 6.76 -2.82
C VAL A 83 4.51 7.01 -1.87
N VAL A 84 4.83 6.04 -0.97
CA VAL A 84 5.99 6.13 -0.05
C VAL A 84 7.29 6.35 -0.87
N ARG A 85 8.01 7.43 -0.55
CA ARG A 85 9.20 7.78 -1.29
C ARG A 85 10.45 7.06 -0.90
N LEU A 86 11.27 6.65 -1.89
CA LEU A 86 12.61 6.11 -1.67
C LEU A 86 13.52 7.36 -1.58
N LEU A 87 14.35 7.41 -0.54
CA LEU A 87 15.24 8.56 -0.34
C LEU A 87 16.70 8.31 -0.61
N GLY A 88 17.13 7.06 -0.50
CA GLY A 88 18.52 6.72 -0.70
C GLY A 88 18.85 5.28 -0.41
N VAL A 89 20.09 4.92 -0.72
CA VAL A 89 20.61 3.55 -0.62
C VAL A 89 22.02 3.56 0.01
N VAL A 90 22.27 2.62 0.93
CA VAL A 90 23.60 2.42 1.52
C VAL A 90 24.03 1.00 1.09
N SER A 91 24.78 0.93 -0.04
CA SER A 91 25.30 -0.30 -0.66
C SER A 91 26.80 -0.56 -0.45
N GLN A 92 27.58 0.49 -0.18
CA GLN A 92 29.03 0.37 0.04
C GLN A 92 29.31 -0.03 1.47
N GLY A 93 29.71 -1.29 1.65
CA GLY A 93 29.96 -1.89 2.95
C GLY A 93 28.70 -2.43 3.60
N GLN A 94 28.81 -2.89 4.85
CA GLN A 94 27.74 -3.48 5.64
C GLN A 94 27.46 -2.72 6.93
N PRO A 95 26.19 -2.67 7.45
CA PRO A 95 24.95 -3.26 6.90
C PRO A 95 24.40 -2.55 5.65
N THR A 96 23.74 -3.33 4.78
CA THR A 96 23.08 -2.85 3.56
C THR A 96 21.81 -2.14 3.99
N LEU A 97 21.62 -0.88 3.53
CA LEU A 97 20.44 -0.10 3.92
C LEU A 97 19.68 0.50 2.75
N VAL A 98 18.38 0.77 2.96
CA VAL A 98 17.51 1.49 2.02
C VAL A 98 16.78 2.54 2.85
N ILE A 99 16.91 3.81 2.45
CA ILE A 99 16.34 4.96 3.17
C ILE A 99 15.04 5.38 2.51
N MET A 100 13.99 5.51 3.27
CA MET A 100 12.70 5.87 2.67
C MET A 100 11.94 6.86 3.54
N GLU A 101 10.86 7.43 3.00
CA GLU A 101 9.95 8.31 3.72
C GLU A 101 9.42 7.54 4.95
N LEU A 102 9.38 8.24 6.09
CA LEU A 102 8.88 7.67 7.34
C LEU A 102 7.35 7.73 7.42
N MET A 103 6.72 6.58 7.67
CA MET A 103 5.27 6.49 7.82
C MET A 103 5.10 5.97 9.24
N THR A 104 4.92 6.89 10.21
CA THR A 104 4.87 6.49 11.64
C THR A 104 3.73 5.57 12.03
N ARG A 105 2.58 5.63 11.33
CA ARG A 105 1.43 4.81 11.75
C ARG A 105 1.33 3.40 11.17
N GLY A 106 2.38 2.94 10.48
CA GLY A 106 2.47 1.57 10.00
C GLY A 106 1.63 1.24 8.78
N ASP A 107 1.48 -0.05 8.50
CA ASP A 107 0.67 -0.44 7.34
C ASP A 107 -0.82 -0.20 7.60
N LEU A 108 -1.59 0.07 6.54
CA LEU A 108 -3.03 0.34 6.67
C LEU A 108 -3.82 -0.82 7.30
N LYS A 109 -3.43 -2.07 7.02
CA LYS A 109 -4.12 -3.21 7.66
C LYS A 109 -3.93 -3.16 9.22
N SER A 110 -2.69 -2.97 9.70
CA SER A 110 -2.42 -2.85 11.16
C SER A 110 -3.14 -1.62 11.77
N TYR A 111 -3.11 -0.49 11.05
CA TYR A 111 -3.77 0.73 11.51
C TYR A 111 -5.27 0.47 11.66
N LEU A 112 -5.93 -0.12 10.63
CA LEU A 112 -7.37 -0.42 10.68
C LEU A 112 -7.67 -1.39 11.82
N ARG A 113 -6.86 -2.46 11.95
CA ARG A 113 -7.05 -3.43 13.05
C ARG A 113 -6.89 -2.78 14.44
N SER A 114 -5.99 -1.80 14.58
CA SER A 114 -5.79 -1.08 15.87
C SER A 114 -7.02 -0.24 16.29
N LEU A 115 -7.93 0.08 15.35
CA LEU A 115 -9.17 0.86 15.59
C LEU A 115 -10.36 -0.03 16.05
N ARG A 116 -10.20 -1.37 16.07
CA ARG A 116 -11.28 -2.25 16.51
C ARG A 116 -11.39 -2.14 18.05
N PRO A 117 -12.63 -2.14 18.65
CA PRO A 117 -12.76 -2.08 20.14
C PRO A 117 -12.00 -3.23 20.85
N GLU A 118 -11.30 -2.91 21.96
CA GLU A 118 -10.41 -3.82 22.72
C GLU A 118 -10.98 -5.00 23.52
N MET A 119 -12.25 -4.93 23.96
CA MET A 119 -12.96 -5.97 24.74
C MET A 119 -12.80 -5.86 26.27
N GLU A 120 -12.29 -4.70 26.72
CA GLU A 120 -12.21 -4.33 28.13
C GLU A 120 -13.40 -3.34 28.30
N ASN A 121 -13.67 -2.80 29.49
CA ASN A 121 -14.84 -1.91 29.64
C ASN A 121 -14.58 -0.42 29.37
N ASN A 122 -13.39 -0.08 28.86
CA ASN A 122 -12.96 1.29 28.62
C ASN A 122 -13.58 1.97 27.37
N PRO A 123 -13.61 3.33 27.34
CA PRO A 123 -14.16 4.03 26.17
C PRO A 123 -13.37 3.79 24.90
N VAL A 124 -14.02 4.03 23.76
CA VAL A 124 -13.39 3.74 22.48
C VAL A 124 -13.85 4.73 21.43
N LEU A 125 -12.95 5.03 20.50
CA LEU A 125 -13.24 5.90 19.37
C LEU A 125 -14.24 5.18 18.49
N ALA A 126 -15.27 5.89 17.99
CA ALA A 126 -16.27 5.32 17.08
C ALA A 126 -15.52 4.90 15.78
N PRO A 127 -16.05 4.00 14.94
CA PRO A 127 -15.30 3.64 13.71
C PRO A 127 -15.14 4.82 12.75
N PRO A 128 -14.12 4.85 11.84
CA PRO A 128 -13.97 6.00 10.93
C PRO A 128 -15.25 6.47 10.25
N SER A 129 -15.45 7.81 10.22
CA SER A 129 -16.62 8.40 9.57
C SER A 129 -16.53 8.17 8.04
N LEU A 130 -17.64 8.34 7.32
CA LEU A 130 -17.62 8.23 5.86
C LEU A 130 -16.55 9.20 5.25
N SER A 131 -16.50 10.46 5.70
CA SER A 131 -15.53 11.46 5.19
C SER A 131 -14.10 11.00 5.41
N LYS A 132 -13.79 10.38 6.58
CA LYS A 132 -12.42 9.86 6.81
C LYS A 132 -12.12 8.68 5.85
N MET A 133 -13.12 7.84 5.61
CA MET A 133 -13.01 6.68 4.69
C MET A 133 -12.82 7.13 3.23
N ILE A 134 -13.52 8.22 2.83
CA ILE A 134 -13.42 8.77 1.47
C ILE A 134 -12.05 9.39 1.24
N GLN A 135 -11.55 10.17 2.23
CA GLN A 135 -10.22 10.78 2.18
C GLN A 135 -9.15 9.68 1.94
N MET A 136 -9.22 8.56 2.69
CA MET A 136 -8.31 7.40 2.51
C MET A 136 -8.45 6.82 1.12
N ALA A 137 -9.70 6.57 0.64
CA ALA A 137 -10.01 6.08 -0.70
C ALA A 137 -9.40 6.95 -1.80
N GLY A 138 -9.51 8.27 -1.67
CA GLY A 138 -8.95 9.24 -2.61
C GLY A 138 -7.44 9.26 -2.72
N GLU A 139 -6.75 9.21 -1.58
CA GLU A 139 -5.29 9.20 -1.50
C GLU A 139 -4.75 7.88 -2.08
N ILE A 140 -5.39 6.73 -1.75
CA ILE A 140 -5.01 5.43 -2.31
C ILE A 140 -5.25 5.43 -3.83
N ALA A 141 -6.43 5.88 -4.27
CA ALA A 141 -6.75 5.94 -5.70
C ALA A 141 -5.77 6.85 -6.45
N ASP A 142 -5.33 7.96 -5.82
CA ASP A 142 -4.38 8.94 -6.40
C ASP A 142 -2.98 8.33 -6.61
N GLY A 143 -2.50 7.61 -5.61
CA GLY A 143 -1.23 6.88 -5.72
C GLY A 143 -1.33 5.87 -6.83
N MET A 144 -2.45 5.16 -6.91
CA MET A 144 -2.69 4.14 -7.95
C MET A 144 -2.81 4.77 -9.38
N ALA A 145 -3.52 5.91 -9.51
CA ALA A 145 -3.64 6.64 -10.77
C ALA A 145 -2.24 7.10 -11.17
N TYR A 146 -1.39 7.47 -10.18
CA TYR A 146 -0.03 7.88 -10.48
C TYR A 146 0.76 6.70 -11.07
N LEU A 147 0.72 5.55 -10.40
CA LEU A 147 1.39 4.32 -10.85
C LEU A 147 0.97 3.92 -12.26
N ASN A 148 -0.34 3.96 -12.57
CA ASN A 148 -0.88 3.63 -13.89
C ASN A 148 -0.39 4.60 -14.99
N ALA A 149 -0.29 5.91 -14.67
CA ALA A 149 0.19 6.94 -15.59
C ALA A 149 1.67 6.70 -15.86
N ASN A 150 2.38 6.07 -14.92
CA ASN A 150 3.78 5.70 -15.12
C ASN A 150 3.93 4.27 -15.68
N LYS A 151 2.83 3.73 -16.25
CA LYS A 151 2.76 2.43 -16.94
C LYS A 151 2.97 1.19 -16.07
N PHE A 152 2.74 1.31 -14.74
CA PHE A 152 2.85 0.17 -13.82
C PHE A 152 1.51 -0.48 -13.47
N VAL A 153 1.55 -1.79 -13.20
CA VAL A 153 0.42 -2.60 -12.70
C VAL A 153 0.96 -3.02 -11.32
N HIS A 154 0.21 -2.72 -10.22
CA HIS A 154 0.71 -2.99 -8.87
C HIS A 154 0.70 -4.48 -8.55
N ARG A 155 -0.44 -5.13 -8.85
CA ARG A 155 -0.72 -6.59 -8.71
C ARG A 155 -0.93 -7.08 -7.30
N ASP A 156 -0.68 -6.23 -6.29
CA ASP A 156 -0.88 -6.63 -4.87
C ASP A 156 -1.44 -5.47 -3.99
N LEU A 157 -2.34 -4.68 -4.58
CA LEU A 157 -3.05 -3.63 -3.88
C LEU A 157 -3.93 -4.23 -2.80
N ALA A 158 -3.72 -3.79 -1.57
CA ALA A 158 -4.41 -4.31 -0.38
C ALA A 158 -4.03 -3.35 0.75
N ALA A 159 -4.83 -3.32 1.84
CA ALA A 159 -4.52 -2.46 2.99
C ALA A 159 -3.13 -2.71 3.57
N ARG A 160 -2.65 -3.99 3.58
CA ARG A 160 -1.33 -4.36 4.12
C ARG A 160 -0.19 -3.74 3.30
N ASN A 161 -0.48 -3.33 2.03
CA ASN A 161 0.51 -2.75 1.11
C ASN A 161 0.37 -1.24 0.94
N CYS A 162 -0.38 -0.64 1.87
CA CYS A 162 -0.57 0.80 1.99
C CYS A 162 0.04 1.16 3.35
N MET A 163 0.47 2.41 3.51
CA MET A 163 1.10 2.87 4.75
C MET A 163 0.39 4.11 5.26
N VAL A 164 0.45 4.36 6.58
CA VAL A 164 -0.23 5.51 7.20
C VAL A 164 0.82 6.45 7.83
N ALA A 165 0.76 7.74 7.45
CA ALA A 165 1.69 8.74 7.99
C ALA A 165 1.20 9.29 9.34
N GLU A 166 2.06 10.01 10.07
CA GLU A 166 1.76 10.71 11.33
C GLU A 166 0.50 11.54 11.22
N ASP A 167 0.33 12.28 10.11
CA ASP A 167 -0.86 13.12 9.88
C ASP A 167 -2.05 12.31 9.32
N PHE A 168 -1.96 10.97 9.36
CA PHE A 168 -3.01 10.04 8.86
C PHE A 168 -3.15 9.93 7.34
N THR A 169 -2.24 10.56 6.56
CA THR A 169 -2.27 10.44 5.07
C THR A 169 -1.95 9.00 4.74
N VAL A 170 -2.75 8.40 3.85
CA VAL A 170 -2.52 7.03 3.43
C VAL A 170 -1.72 7.12 2.10
N LYS A 171 -0.76 6.23 1.90
CA LYS A 171 0.02 6.19 0.66
C LYS A 171 0.20 4.73 0.22
N ILE A 172 0.48 4.52 -1.10
CA ILE A 172 0.82 3.20 -1.63
C ILE A 172 2.22 2.94 -0.97
N GLY A 173 2.33 1.80 -0.31
CA GLY A 173 3.53 1.48 0.43
C GLY A 173 4.66 0.97 -0.43
N ASP A 174 5.65 0.44 0.26
CA ASP A 174 6.83 -0.15 -0.32
C ASP A 174 6.41 -1.49 -0.91
N PHE A 175 6.98 -1.83 -2.02
CA PHE A 175 6.65 -3.03 -2.76
C PHE A 175 7.21 -4.35 -2.14
N GLY A 176 6.37 -5.40 -2.17
CA GLY A 176 6.67 -6.76 -1.73
C GLY A 176 7.17 -6.96 -0.32
N MET A 177 6.48 -6.37 0.67
CA MET A 177 6.99 -6.42 2.05
C MET A 177 6.19 -7.24 3.06
N THR A 178 4.95 -7.62 2.72
CA THR A 178 4.05 -8.26 3.68
C THR A 178 3.71 -9.73 3.50
N ARG A 179 4.33 -10.43 2.53
CA ARG A 179 4.04 -11.86 2.29
C ARG A 179 4.32 -12.76 3.49
N ASP A 180 5.29 -12.38 4.34
CA ASP A 180 5.59 -13.15 5.56
C ASP A 180 5.05 -12.49 6.82
N ILE A 181 4.50 -11.26 6.71
CA ILE A 181 3.89 -10.56 7.85
C ILE A 181 2.43 -11.04 7.94
N TYR A 182 1.76 -11.10 6.79
CA TYR A 182 0.35 -11.50 6.66
C TYR A 182 0.25 -12.72 5.78
N GLU A 183 0.93 -13.80 6.16
CA GLU A 183 0.98 -15.11 5.46
C GLU A 183 -0.36 -15.58 4.96
N THR A 184 -1.40 -15.47 5.81
CA THR A 184 -2.74 -15.97 5.53
C THR A 184 -3.47 -15.18 4.46
N ASP A 185 -2.88 -14.04 4.04
CA ASP A 185 -3.42 -13.21 2.94
C ASP A 185 -2.95 -13.72 1.59
N TYR A 186 -2.07 -14.75 1.60
CA TYR A 186 -1.51 -15.35 0.40
C TYR A 186 -1.76 -16.84 0.33
N TYR A 187 -1.95 -17.30 -0.88
CA TYR A 187 -2.24 -18.69 -1.20
C TYR A 187 -1.26 -19.23 -2.23
N ARG A 188 -0.57 -20.33 -1.88
CA ARG A 188 0.38 -20.99 -2.78
C ARG A 188 -0.31 -21.86 -3.86
N LYS A 189 -1.24 -22.75 -3.48
CA LYS A 189 -1.93 -23.56 -4.51
C LYS A 189 -3.00 -22.77 -5.32
N GLY A 193 2.65 -19.52 -8.13
CA GLY A 193 3.30 -19.05 -6.92
C GLY A 193 2.35 -18.55 -5.85
N LEU A 194 2.78 -17.52 -5.09
CA LEU A 194 2.01 -16.95 -3.98
C LEU A 194 1.00 -15.95 -4.51
N LEU A 195 -0.29 -16.27 -4.39
CA LEU A 195 -1.33 -15.39 -4.89
C LEU A 195 -2.14 -14.73 -3.75
N PRO A 196 -2.42 -13.41 -3.82
CA PRO A 196 -3.31 -12.79 -2.82
C PRO A 196 -4.74 -12.97 -3.30
N VAL A 197 -5.21 -14.23 -3.27
CA VAL A 197 -6.53 -14.62 -3.80
C VAL A 197 -7.77 -13.83 -3.38
N ARG A 198 -7.85 -13.42 -2.10
CA ARG A 198 -9.01 -12.70 -1.57
C ARG A 198 -9.10 -11.23 -2.13
N TRP A 199 -8.02 -10.77 -2.79
CA TRP A 199 -7.90 -9.43 -3.42
C TRP A 199 -7.91 -9.52 -4.98
N MET A 200 -7.90 -10.73 -5.53
CA MET A 200 -7.77 -10.88 -6.99
C MET A 200 -9.04 -10.82 -7.79
N SER A 201 -8.97 -10.21 -8.99
CA SER A 201 -10.07 -10.13 -9.95
C SER A 201 -10.39 -11.54 -10.51
N PRO A 202 -11.62 -11.79 -10.98
CA PRO A 202 -11.92 -13.10 -11.61
C PRO A 202 -10.98 -13.44 -12.78
N GLU A 203 -10.59 -12.45 -13.62
CA GLU A 203 -9.65 -12.71 -14.74
C GLU A 203 -8.23 -13.08 -14.29
N SER A 204 -7.78 -12.51 -13.14
CA SER A 204 -6.45 -12.80 -12.62
C SER A 204 -6.41 -14.20 -12.03
N LEU A 205 -7.52 -14.66 -11.42
CA LEU A 205 -7.63 -15.99 -10.85
C LEU A 205 -7.72 -17.03 -11.98
N LYS A 206 -8.38 -16.68 -13.09
CA LYS A 206 -8.61 -17.58 -14.22
C LYS A 206 -7.39 -17.69 -15.15
N ASP A 207 -6.84 -16.53 -15.57
CA ASP A 207 -5.79 -16.44 -16.58
C ASP A 207 -4.39 -16.03 -16.06
N GLY A 208 -4.29 -15.64 -14.78
CA GLY A 208 -3.02 -15.17 -14.22
C GLY A 208 -2.55 -13.84 -14.78
N VAL A 209 -3.47 -13.09 -15.45
CA VAL A 209 -3.20 -11.78 -16.04
C VAL A 209 -3.66 -10.63 -15.10
N PHE A 210 -2.83 -9.59 -14.98
CA PHE A 210 -3.03 -8.40 -14.14
C PHE A 210 -2.88 -7.13 -14.98
N THR A 211 -3.83 -6.21 -14.84
CA THR A 211 -3.79 -4.89 -15.52
C THR A 211 -4.23 -3.85 -14.46
N THR A 212 -4.27 -2.56 -14.83
CA THR A 212 -4.81 -1.50 -13.98
C THR A 212 -6.26 -1.83 -13.55
N TYR A 213 -7.05 -2.53 -14.41
CA TYR A 213 -8.44 -2.89 -14.09
C TYR A 213 -8.53 -3.93 -13.00
N SER A 214 -7.51 -4.79 -12.85
CA SER A 214 -7.50 -5.79 -11.79
C SER A 214 -7.05 -5.11 -10.51
N ASP A 215 -6.19 -4.08 -10.64
CA ASP A 215 -5.77 -3.23 -9.53
C ASP A 215 -7.01 -2.49 -9.00
N VAL A 216 -7.91 -2.06 -9.91
CA VAL A 216 -9.17 -1.42 -9.55
C VAL A 216 -10.04 -2.38 -8.72
N TRP A 217 -10.10 -3.67 -9.12
CA TRP A 217 -10.86 -4.70 -8.39
C TRP A 217 -10.34 -4.74 -6.94
N SER A 218 -9.02 -4.84 -6.78
CA SER A 218 -8.32 -4.89 -5.50
C SER A 218 -8.56 -3.66 -4.69
N PHE A 219 -8.66 -2.49 -5.35
CA PHE A 219 -9.00 -1.21 -4.71
C PHE A 219 -10.36 -1.29 -4.02
N GLY A 220 -11.34 -1.94 -4.67
CA GLY A 220 -12.66 -2.13 -4.10
C GLY A 220 -12.58 -2.95 -2.83
N VAL A 221 -11.73 -4.01 -2.85
CA VAL A 221 -11.42 -4.84 -1.70
C VAL A 221 -10.77 -3.98 -0.57
N VAL A 222 -9.86 -3.05 -0.92
CA VAL A 222 -9.24 -2.13 0.04
C VAL A 222 -10.36 -1.29 0.73
N LEU A 223 -11.33 -0.78 -0.05
CA LEU A 223 -12.47 -0.02 0.54
C LEU A 223 -13.26 -0.91 1.52
N TRP A 224 -13.52 -2.18 1.13
CA TRP A 224 -14.23 -3.15 1.97
C TRP A 224 -13.41 -3.38 3.25
N GLU A 225 -12.06 -3.43 3.14
CA GLU A 225 -11.18 -3.55 4.32
C GLU A 225 -11.32 -2.33 5.22
N ILE A 226 -11.35 -1.13 4.63
CA ILE A 226 -11.52 0.13 5.40
C ILE A 226 -12.86 0.09 6.16
N ALA A 227 -13.95 -0.28 5.44
CA ALA A 227 -15.30 -0.35 6.02
C ALA A 227 -15.48 -1.47 7.04
N THR A 228 -14.64 -2.52 7.04
CA THR A 228 -14.77 -3.60 8.04
C THR A 228 -13.69 -3.56 9.12
N LEU A 229 -12.77 -2.58 9.04
CA LEU A 229 -11.60 -2.50 9.90
C LEU A 229 -10.68 -3.72 9.69
N ALA A 230 -10.41 -4.00 8.40
CA ALA A 230 -9.54 -5.07 7.93
C ALA A 230 -9.95 -6.48 8.40
N GLU A 231 -11.22 -6.81 8.22
CA GLU A 231 -11.67 -8.18 8.44
C GLU A 231 -11.08 -8.95 7.22
N GLN A 232 -10.97 -10.29 7.31
CA GLN A 232 -10.50 -11.10 6.18
C GLN A 232 -11.61 -11.15 5.12
N PRO A 233 -11.36 -10.74 3.87
CA PRO A 233 -12.41 -10.89 2.84
C PRO A 233 -12.78 -12.36 2.64
N TYR A 234 -14.09 -12.62 2.50
CA TYR A 234 -14.69 -13.94 2.27
C TYR A 234 -14.45 -14.88 3.43
N GLN A 235 -14.47 -14.34 4.64
CA GLN A 235 -14.31 -15.10 5.87
C GLN A 235 -15.36 -16.22 5.87
N GLY A 236 -14.94 -17.42 6.23
CA GLY A 236 -15.84 -18.56 6.22
C GLY A 236 -15.62 -19.40 4.97
N LEU A 237 -14.92 -18.80 3.97
CA LEU A 237 -14.54 -19.50 2.76
C LEU A 237 -13.07 -19.84 2.80
N SER A 238 -12.70 -21.05 2.38
CA SER A 238 -11.29 -21.42 2.26
C SER A 238 -10.73 -20.74 1.01
N ASN A 239 -9.38 -20.74 0.86
CA ASN A 239 -8.71 -20.21 -0.32
C ASN A 239 -9.25 -20.77 -1.63
N GLU A 240 -9.44 -22.13 -1.74
CA GLU A 240 -9.99 -22.75 -2.95
C GLU A 240 -11.42 -22.32 -3.21
N GLN A 241 -12.24 -22.21 -2.12
CA GLN A 241 -13.63 -21.75 -2.18
C GLN A 241 -13.65 -20.30 -2.68
N VAL A 242 -12.69 -19.47 -2.28
CA VAL A 242 -12.62 -18.07 -2.75
C VAL A 242 -12.47 -18.00 -4.28
N LEU A 243 -11.50 -18.76 -4.82
CA LEU A 243 -11.20 -18.88 -6.27
C LEU A 243 -12.48 -19.21 -7.03
N ARG A 244 -13.22 -20.24 -6.57
CA ARG A 244 -14.45 -20.70 -7.20
C ARG A 244 -15.56 -19.66 -7.12
N PHE A 245 -15.81 -19.12 -5.90
CA PHE A 245 -16.86 -18.16 -5.62
C PHE A 245 -16.69 -16.88 -6.45
N VAL A 246 -15.47 -16.32 -6.48
CA VAL A 246 -15.18 -15.11 -7.26
C VAL A 246 -15.27 -15.34 -8.79
N MET A 247 -14.65 -16.42 -9.31
CA MET A 247 -14.64 -16.77 -10.75
C MET A 247 -16.06 -16.99 -11.27
N GLU A 248 -16.97 -17.41 -10.39
CA GLU A 248 -18.37 -17.66 -10.74
C GLU A 248 -19.23 -16.39 -10.61
N GLY A 249 -18.62 -15.25 -10.28
CA GLY A 249 -19.36 -13.99 -10.16
C GLY A 249 -19.87 -13.65 -8.78
N GLY A 250 -19.33 -14.33 -7.76
CA GLY A 250 -19.67 -14.07 -6.36
C GLY A 250 -18.98 -12.80 -5.87
N LEU A 251 -19.62 -12.08 -4.94
CA LEU A 251 -19.11 -10.80 -4.42
C LEU A 251 -19.16 -10.73 -2.92
N LEU A 252 -18.34 -9.83 -2.34
CA LEU A 252 -18.34 -9.54 -0.91
C LEU A 252 -19.66 -8.83 -0.55
N ASP A 253 -20.15 -9.11 0.67
CA ASP A 253 -21.35 -8.51 1.24
C ASP A 253 -21.08 -7.06 1.64
N LYS A 254 -22.12 -6.23 1.66
CA LYS A 254 -22.03 -4.86 2.12
C LYS A 254 -21.76 -4.93 3.62
N PRO A 255 -20.63 -4.37 4.09
CA PRO A 255 -20.36 -4.46 5.55
C PRO A 255 -21.49 -3.78 6.32
N ASP A 256 -21.80 -4.31 7.51
CA ASP A 256 -22.80 -3.73 8.40
C ASP A 256 -22.44 -2.26 8.58
N ASN A 257 -23.42 -1.37 8.53
CA ASN A 257 -23.22 0.09 8.69
C ASN A 257 -22.42 0.77 7.55
N CYS A 258 -22.09 0.05 6.47
CA CYS A 258 -21.34 0.70 5.38
C CYS A 258 -22.26 1.63 4.60
N PRO A 259 -21.95 2.95 4.54
CA PRO A 259 -22.80 3.85 3.73
C PRO A 259 -22.89 3.30 2.32
N ASP A 260 -24.13 3.28 1.77
CA ASP A 260 -24.41 2.76 0.44
C ASP A 260 -23.57 3.38 -0.66
N MET A 261 -23.24 4.65 -0.49
CA MET A 261 -22.39 5.43 -1.38
C MET A 261 -21.04 4.67 -1.53
N LEU A 262 -20.48 4.23 -0.42
CA LEU A 262 -19.19 3.53 -0.37
C LEU A 262 -19.30 2.15 -0.98
N PHE A 263 -20.41 1.42 -0.68
CA PHE A 263 -20.62 0.08 -1.24
C PHE A 263 -20.79 0.13 -2.75
N GLU A 264 -21.49 1.17 -3.26
CA GLU A 264 -21.69 1.39 -4.70
C GLU A 264 -20.32 1.51 -5.41
N LEU A 265 -19.35 2.23 -4.81
CA LEU A 265 -18.00 2.38 -5.38
C LEU A 265 -17.32 1.01 -5.45
N MET A 266 -17.42 0.20 -4.37
CA MET A 266 -16.89 -1.17 -4.30
C MET A 266 -17.49 -2.00 -5.44
N ARG A 267 -18.83 -1.91 -5.61
CA ARG A 267 -19.59 -2.60 -6.67
C ARG A 267 -19.12 -2.21 -8.07
N MET A 268 -18.82 -0.91 -8.32
CA MET A 268 -18.29 -0.45 -9.63
C MET A 268 -16.91 -1.15 -9.87
N CYS A 269 -16.07 -1.22 -8.82
CA CYS A 269 -14.74 -1.86 -8.85
C CYS A 269 -14.84 -3.36 -9.10
N TRP A 270 -15.96 -3.98 -8.68
CA TRP A 270 -16.19 -5.42 -8.81
C TRP A 270 -17.01 -5.87 -9.99
N GLN A 271 -17.10 -5.03 -11.04
CA GLN A 271 -17.77 -5.41 -12.30
C GLN A 271 -17.00 -6.60 -12.84
N TYR A 272 -17.71 -7.68 -13.22
CA TYR A 272 -17.06 -8.91 -13.68
C TYR A 272 -16.16 -8.63 -14.88
N ASN A 273 -16.64 -7.79 -15.81
CA ASN A 273 -15.83 -7.45 -16.99
C ASN A 273 -14.88 -6.32 -16.60
N PRO A 274 -13.53 -6.48 -16.75
CA PRO A 274 -12.60 -5.40 -16.38
C PRO A 274 -12.83 -4.08 -17.11
N LYS A 275 -13.35 -4.12 -18.35
CA LYS A 275 -13.61 -2.92 -19.17
C LYS A 275 -14.71 -2.02 -18.60
N MET A 276 -15.60 -2.61 -17.82
CA MET A 276 -16.73 -1.94 -17.17
C MET A 276 -16.36 -1.32 -15.80
N ARG A 277 -15.17 -1.60 -15.31
CA ARG A 277 -14.70 -1.05 -14.03
C ARG A 277 -14.26 0.41 -14.23
N PRO A 278 -14.40 1.30 -13.23
CA PRO A 278 -13.89 2.67 -13.44
C PRO A 278 -12.37 2.68 -13.44
N SER A 279 -11.78 3.70 -14.02
CA SER A 279 -10.32 3.85 -13.94
C SER A 279 -10.05 4.53 -12.57
N PHE A 280 -8.79 4.58 -12.13
CA PHE A 280 -8.46 5.28 -10.89
C PHE A 280 -8.78 6.79 -11.02
N LEU A 281 -8.53 7.36 -12.20
CA LEU A 281 -8.85 8.80 -12.48
C LEU A 281 -10.39 9.04 -12.32
N GLU A 282 -11.18 8.16 -12.92
CA GLU A 282 -12.64 8.12 -12.86
C GLU A 282 -13.11 7.98 -11.40
N ILE A 283 -12.47 7.11 -10.61
CA ILE A 283 -12.79 6.95 -9.17
C ILE A 283 -12.55 8.30 -8.45
N ILE A 284 -11.39 8.92 -8.64
CA ILE A 284 -11.03 10.17 -7.96
C ILE A 284 -12.02 11.28 -8.31
N SER A 285 -12.31 11.40 -9.63
CA SER A 285 -13.24 12.41 -10.14
C SER A 285 -14.55 12.32 -9.41
N SER A 286 -15.09 11.08 -9.19
CA SER A 286 -16.38 10.87 -8.52
C SER A 286 -16.39 11.35 -7.06
N ILE A 287 -15.21 11.41 -6.40
CA ILE A 287 -15.15 11.84 -4.98
C ILE A 287 -14.37 13.12 -4.71
N LYS A 288 -13.83 13.76 -5.74
CA LYS A 288 -12.94 14.92 -5.57
C LYS A 288 -13.52 16.04 -4.67
N GLU A 289 -14.84 16.33 -4.78
CA GLU A 289 -15.54 17.33 -3.98
C GLU A 289 -15.46 17.01 -2.49
N GLU A 290 -15.28 15.70 -2.14
CA GLU A 290 -15.20 15.24 -0.75
C GLU A 290 -13.78 15.27 -0.19
N MET A 291 -12.79 15.54 -1.03
CA MET A 291 -11.40 15.52 -0.60
C MET A 291 -11.05 16.79 0.17
N GLU A 292 -10.14 16.70 1.17
CA GLU A 292 -9.66 17.89 1.88
C GLU A 292 -9.05 18.87 0.85
N PRO A 293 -9.18 20.21 1.02
CA PRO A 293 -8.67 21.15 -0.01
C PRO A 293 -7.20 21.03 -0.43
N GLY A 294 -6.33 20.56 0.48
CA GLY A 294 -4.90 20.37 0.18
C GLY A 294 -4.66 19.34 -0.92
N PHE A 295 -5.65 18.44 -1.15
CA PHE A 295 -5.59 17.40 -2.19
C PHE A 295 -5.38 18.03 -3.57
N ARG A 296 -6.01 19.19 -3.80
CA ARG A 296 -5.89 19.96 -5.05
C ARG A 296 -4.48 20.50 -5.28
N GLU A 297 -3.66 20.58 -4.20
CA GLU A 297 -2.28 21.09 -4.26
C GLU A 297 -1.20 20.00 -4.28
N VAL A 298 -1.49 18.82 -3.72
CA VAL A 298 -0.48 17.74 -3.60
C VAL A 298 -0.71 16.52 -4.47
N SER A 299 -1.93 16.30 -4.94
CA SER A 299 -2.24 15.08 -5.66
C SER A 299 -1.67 15.01 -7.07
N PHE A 300 -1.46 13.78 -7.56
CA PHE A 300 -1.09 13.54 -8.95
C PHE A 300 -2.27 14.02 -9.79
N TYR A 301 -3.53 13.72 -9.32
CA TYR A 301 -4.77 14.07 -10.06
C TYR A 301 -4.80 15.52 -10.53
N TYR A 302 -4.44 16.44 -9.62
CA TYR A 302 -4.48 17.87 -9.92
C TYR A 302 -3.16 18.37 -10.45
N SER A 303 -2.17 17.47 -10.64
CA SER A 303 -0.85 17.91 -11.13
C SER A 303 -0.78 18.09 -12.66
N GLU A 304 0.26 18.79 -13.13
CA GLU A 304 0.57 19.01 -14.54
C GLU A 304 0.77 17.65 -15.25
N GLU A 305 1.33 16.63 -14.53
CA GLU A 305 1.59 15.26 -14.98
C GLU A 305 0.30 14.50 -15.37
N ASN A 306 -0.85 14.88 -14.77
CA ASN A 306 -2.11 14.23 -15.10
C ASN A 306 -2.65 14.84 -16.40
N LYS A 307 -2.13 14.31 -17.49
CA LYS A 307 -2.24 14.66 -18.91
C LYS A 307 -2.00 16.12 -19.23
#